data_4PI3
#
_entry.id   4PI3
#
_cell.length_a   133.923
_cell.length_b   38.669
_cell.length_c   94.646
_cell.angle_alpha   90.00
_cell.angle_beta   113.91
_cell.angle_gamma   90.00
#
_symmetry.space_group_name_H-M   'C 1 2 1'
#
loop_
_entity.id
_entity.type
_entity.pdbx_description
1 polymer Cruzipain
2 non-polymer N-[(2S)-5-(carbamimidamidooxy)-1-oxo-1-{[(1E,3S)-5-phenyl-1-(phenylsulfonyl)pent-1-en-3-yl]amino}pentan-2-yl]-4-methylpiperazine-1-carboxamide
3 water water
#
_entity_poly.entity_id   1
_entity_poly.type   'polypeptide(L)'
_entity_poly.pdbx_seq_one_letter_code
;GAPAAVDWRARGAVTAVKDQGQCGSCWAFSAIGNVECQWFLAGHPLTNLSEQMLVSCDKTDSGCSGGLMNNAFEWIVQEN
NGAVYTEDSYPYASGEGISPPCTTSGHTVGATITGHVELPQDEAQIAAWLAVNGPVAVAVDASSWMTYTGGVMTSCVSEQ
LDHGVLLVGYNDSAAVPYWIIKNSWTTQWGEEGYIRIAKGSNQCLVKEEASSAVVG
;
_entity_poly.pdbx_strand_id   A,B
#
# COMPACT_ATOMS: atom_id res chain seq x y z
N ALA A 2 34.54 -8.84 5.80
CA ALA A 2 34.05 -7.83 4.82
C ALA A 2 34.75 -6.49 5.16
N PRO A 3 34.84 -5.55 4.24
CA PRO A 3 35.28 -4.19 4.52
C PRO A 3 34.51 -3.63 5.75
N ALA A 4 35.13 -2.70 6.42
CA ALA A 4 34.49 -2.03 7.56
C ALA A 4 33.31 -1.19 7.09
N ALA A 5 33.41 -0.57 5.92
CA ALA A 5 32.39 0.30 5.46
C ALA A 5 32.41 0.38 3.97
N VAL A 6 31.29 0.46 3.30
CA VAL A 6 31.27 0.57 1.78
C VAL A 6 30.15 1.56 1.45
N ASP A 7 30.35 2.49 0.53
CA ASP A 7 29.29 3.36 0.06
C ASP A 7 29.39 3.42 -1.47
N TRP A 8 28.44 2.70 -2.08
CA TRP A 8 28.44 2.64 -3.56
C TRP A 8 28.15 3.96 -4.18
N ARG A 9 27.54 4.92 -3.49
CA ARG A 9 27.32 6.26 -4.08
C ARG A 9 28.65 6.90 -4.34
N ALA A 10 29.56 6.74 -3.39
CA ALA A 10 30.90 7.35 -3.53
C ALA A 10 31.68 6.77 -4.68
N ARG A 11 31.35 5.54 -5.10
CA ARG A 11 32.02 4.86 -6.20
C ARG A 11 31.34 5.10 -7.54
N GLY A 12 30.33 6.01 -7.56
CA GLY A 12 29.70 6.48 -8.80
C GLY A 12 28.75 5.43 -9.39
N ALA A 13 28.28 4.51 -8.55
CA ALA A 13 27.46 3.35 -8.99
C ALA A 13 25.93 3.62 -8.94
N VAL A 14 25.55 4.77 -8.35
CA VAL A 14 24.14 4.93 -8.00
C VAL A 14 23.62 6.16 -8.69
N THR A 15 22.45 5.98 -9.39
CA THR A 15 21.86 7.17 -10.07
C THR A 15 21.11 8.07 -9.06
N ALA A 16 20.65 9.20 -9.54
CA ALA A 16 19.93 10.16 -8.69
C ALA A 16 18.69 9.53 -7.99
N VAL A 17 18.39 10.08 -6.84
CA VAL A 17 17.10 9.66 -6.13
C VAL A 17 15.87 10.04 -6.97
N LYS A 18 14.89 9.15 -7.01
CA LYS A 18 13.69 9.33 -7.77
C LYS A 18 12.52 9.60 -6.89
N ASP A 19 11.43 9.91 -7.59
CA ASP A 19 10.10 10.17 -7.03
C ASP A 19 9.08 9.28 -7.67
N GLN A 20 8.60 8.32 -6.94
CA GLN A 20 7.59 7.36 -7.46
C GLN A 20 6.25 8.08 -7.63
N GLY A 21 6.08 9.22 -6.97
CA GLY A 21 4.81 9.92 -7.06
C GLY A 21 3.72 9.17 -6.28
N GLN A 22 2.47 9.43 -6.75
CA GLN A 22 1.27 8.85 -6.06
C GLN A 22 0.94 7.51 -6.67
N CYS A 23 1.89 6.58 -6.54
CA CYS A 23 1.79 5.28 -7.18
C CYS A 23 2.62 4.33 -6.38
N GLY A 24 2.08 3.14 -6.10
CA GLY A 24 2.77 2.07 -5.26
C GLY A 24 3.80 1.30 -6.15
N SER A 25 4.65 2.07 -6.91
CA SER A 25 5.61 1.44 -7.79
C SER A 25 6.95 1.28 -7.14
N CYS A 26 7.05 1.33 -5.79
CA CYS A 26 8.33 1.18 -5.07
C CYS A 26 9.08 -0.04 -5.58
N TRP A 27 8.41 -1.17 -5.75
CA TRP A 27 9.06 -2.44 -6.15
C TRP A 27 9.81 -2.26 -7.48
N ALA A 28 9.24 -1.48 -8.36
CA ALA A 28 9.92 -1.21 -9.68
C ALA A 28 11.08 -0.30 -9.48
N PHE A 29 11.03 0.74 -8.63
CA PHE A 29 12.18 1.56 -8.40
C PHE A 29 13.28 0.79 -7.71
N SER A 30 12.95 -0.16 -6.82
CA SER A 30 13.97 -1.00 -6.12
C SER A 30 14.66 -1.89 -7.17
N ALA A 31 13.89 -2.58 -8.00
CA ALA A 31 14.44 -3.53 -8.94
C ALA A 31 15.27 -2.73 -10.00
N ILE A 32 14.77 -1.65 -10.58
CA ILE A 32 15.51 -0.89 -11.62
C ILE A 32 16.73 -0.29 -10.99
N GLY A 33 16.69 0.20 -9.78
CA GLY A 33 17.88 0.89 -9.15
C GLY A 33 18.98 -0.15 -9.05
N ASN A 34 18.59 -1.35 -8.62
CA ASN A 34 19.51 -2.50 -8.56
C ASN A 34 20.11 -2.81 -9.93
N VAL A 35 19.29 -2.90 -10.98
CA VAL A 35 19.83 -3.23 -12.31
C VAL A 35 20.76 -2.10 -12.73
N GLU A 36 20.44 -0.81 -12.54
CA GLU A 36 21.30 0.28 -12.92
C GLU A 36 22.67 0.11 -12.33
N CYS A 37 22.74 -0.21 -11.05
CA CYS A 37 24.00 -0.33 -10.35
C CYS A 37 24.76 -1.55 -10.88
N GLN A 38 24.11 -2.69 -11.01
CA GLN A 38 24.77 -3.95 -11.48
C GLN A 38 25.32 -3.70 -12.91
N TRP A 39 24.58 -3.01 -13.77
CA TRP A 39 25.06 -2.76 -15.13
C TRP A 39 26.28 -1.92 -15.09
N PHE A 40 26.33 -0.84 -14.28
CA PHE A 40 27.56 0.00 -14.17
C PHE A 40 28.70 -0.84 -13.62
N LEU A 41 28.46 -1.76 -12.69
CA LEU A 41 29.57 -2.47 -12.04
C LEU A 41 30.09 -3.54 -12.95
N ALA A 42 29.40 -3.85 -14.05
CA ALA A 42 29.89 -4.87 -15.03
C ALA A 42 30.75 -4.09 -16.06
N GLY A 43 31.05 -2.84 -15.90
CA GLY A 43 31.99 -2.06 -16.77
C GLY A 43 31.29 -1.19 -17.80
N HIS A 44 29.90 -1.14 -17.72
CA HIS A 44 29.17 -0.23 -18.61
C HIS A 44 29.00 1.12 -18.05
N PRO A 45 28.69 2.18 -18.82
CA PRO A 45 28.46 3.56 -18.27
C PRO A 45 27.20 3.49 -17.36
N LEU A 46 27.16 4.32 -16.35
CA LEU A 46 25.96 4.42 -15.51
C LEU A 46 24.86 5.00 -16.41
N THR A 47 23.75 4.26 -16.41
CA THR A 47 22.69 4.51 -17.43
C THR A 47 21.36 4.53 -16.64
N ASN A 48 20.54 5.50 -16.98
CA ASN A 48 19.20 5.63 -16.35
C ASN A 48 18.25 4.68 -17.04
N LEU A 49 17.60 3.84 -16.25
CA LEU A 49 16.73 2.76 -16.81
C LEU A 49 15.29 2.98 -16.42
N SER A 50 14.41 2.20 -17.06
CA SER A 50 12.94 2.48 -16.99
C SER A 50 12.14 1.65 -16.00
N GLU A 51 11.69 2.32 -14.92
CA GLU A 51 10.59 1.73 -14.07
C GLU A 51 9.26 1.58 -14.85
N GLN A 52 8.98 2.51 -15.78
CA GLN A 52 7.65 2.43 -16.43
C GLN A 52 7.57 1.12 -17.18
N MET A 53 8.69 0.66 -17.75
CA MET A 53 8.64 -0.69 -18.42
C MET A 53 8.01 -1.75 -17.52
N LEU A 54 8.51 -1.76 -16.27
CA LEU A 54 7.95 -2.76 -15.35
C LEU A 54 6.51 -2.40 -14.92
N VAL A 55 6.26 -1.14 -14.56
CA VAL A 55 4.91 -0.84 -14.05
C VAL A 55 3.87 -1.14 -15.12
N SER A 56 4.19 -0.83 -16.40
CA SER A 56 3.21 -1.04 -17.48
C SER A 56 3.21 -2.48 -17.99
N CYS A 57 4.34 -3.13 -18.07
CA CYS A 57 4.43 -4.35 -18.92
C CYS A 57 4.61 -5.62 -18.15
N ASP A 58 5.07 -5.49 -16.89
CA ASP A 58 5.24 -6.67 -16.11
C ASP A 58 3.91 -7.16 -15.43
N LYS A 59 3.15 -8.07 -16.07
CA LYS A 59 1.84 -8.39 -15.58
C LYS A 59 1.89 -9.41 -14.51
N THR A 60 3.05 -9.89 -14.05
CA THR A 60 3.07 -10.70 -12.86
C THR A 60 3.05 -9.85 -11.56
N ASP A 61 3.28 -8.60 -11.72
CA ASP A 61 3.16 -7.60 -10.63
C ASP A 61 1.96 -6.75 -10.91
N SER A 62 1.67 -5.79 -10.04
CA SER A 62 0.39 -5.08 -10.05
C SER A 62 0.55 -3.61 -10.16
N GLY A 63 1.57 -3.13 -10.88
CA GLY A 63 1.57 -1.79 -11.25
C GLY A 63 1.61 -0.82 -10.05
N CYS A 64 0.76 0.24 -10.03
CA CYS A 64 0.61 1.14 -8.91
C CYS A 64 0.02 0.45 -7.67
N SER A 65 -0.37 -0.82 -7.71
CA SER A 65 -0.88 -1.47 -6.53
C SER A 65 0.09 -2.46 -5.97
N GLY A 66 1.33 -2.40 -6.43
CA GLY A 66 2.44 -3.11 -5.75
C GLY A 66 3.01 -4.30 -6.51
N GLY A 67 4.05 -4.88 -5.96
CA GLY A 67 4.74 -5.99 -6.69
C GLY A 67 5.85 -6.55 -5.83
N LEU A 68 6.68 -7.38 -6.40
CA LEU A 68 7.84 -7.99 -5.75
C LEU A 68 9.02 -7.73 -6.70
N MET A 69 10.17 -7.34 -6.16
CA MET A 69 11.37 -7.20 -6.99
C MET A 69 11.81 -8.52 -7.55
N ASN A 70 11.62 -9.64 -6.84
CA ASN A 70 12.03 -10.95 -7.40
C ASN A 70 11.12 -11.32 -8.61
N ASN A 71 9.79 -11.00 -8.57
CA ASN A 71 8.97 -11.12 -9.75
C ASN A 71 9.44 -10.26 -10.83
N ALA A 72 9.86 -9.04 -10.58
CA ALA A 72 10.29 -8.13 -11.65
C ALA A 72 11.50 -8.71 -12.31
N PHE A 73 12.50 -9.17 -11.56
CA PHE A 73 13.69 -9.74 -12.18
C PHE A 73 13.35 -10.97 -13.01
N GLU A 74 12.45 -11.84 -12.53
CA GLU A 74 11.99 -13.01 -13.33
C GLU A 74 11.26 -12.56 -14.58
N TRP A 75 10.46 -11.53 -14.52
CA TRP A 75 9.78 -11.06 -15.77
C TRP A 75 10.81 -10.60 -16.73
N ILE A 76 11.78 -9.78 -16.30
CA ILE A 76 12.75 -9.22 -17.24
C ILE A 76 13.45 -10.36 -17.96
N VAL A 77 13.93 -11.32 -17.22
CA VAL A 77 14.66 -12.48 -17.80
C VAL A 77 13.78 -13.46 -18.55
N GLN A 78 12.66 -13.85 -17.99
CA GLN A 78 11.86 -14.92 -18.63
C GLN A 78 10.96 -14.39 -19.69
N GLU A 79 10.47 -13.13 -19.61
CA GLU A 79 9.55 -12.62 -20.61
C GLU A 79 10.14 -11.59 -21.47
N ASN A 80 11.22 -10.87 -21.09
CA ASN A 80 11.72 -9.79 -21.94
C ASN A 80 13.16 -9.97 -22.38
N ASN A 81 13.59 -11.27 -22.43
CA ASN A 81 14.88 -11.62 -22.93
C ASN A 81 16.02 -10.81 -22.24
N GLY A 82 15.79 -10.55 -20.94
CA GLY A 82 16.82 -9.83 -20.14
C GLY A 82 16.83 -8.33 -20.31
N ALA A 83 16.03 -7.75 -21.20
CA ALA A 83 16.20 -6.37 -21.58
C ALA A 83 15.50 -5.46 -20.56
N VAL A 84 16.18 -4.36 -20.32
CA VAL A 84 15.66 -3.21 -19.49
C VAL A 84 15.83 -1.95 -20.31
N TYR A 85 14.72 -1.28 -20.63
CA TYR A 85 14.82 -0.12 -21.46
C TYR A 85 15.39 1.12 -20.76
N THR A 86 15.95 2.04 -21.51
CA THR A 86 16.37 3.36 -20.96
C THR A 86 15.17 4.12 -20.45
N GLU A 87 15.43 4.94 -19.39
CA GLU A 87 14.44 5.93 -19.01
C GLU A 87 14.07 6.89 -20.10
N ASP A 88 15.07 7.34 -20.87
CA ASP A 88 14.75 8.37 -21.84
C ASP A 88 13.79 7.87 -22.90
N SER A 89 13.92 6.55 -23.23
CA SER A 89 13.08 6.00 -24.28
C SER A 89 11.78 5.45 -23.75
N TYR A 90 11.64 5.32 -22.42
CA TYR A 90 10.41 4.85 -21.82
C TYR A 90 10.23 5.52 -20.47
N PRO A 91 9.89 6.77 -20.51
CA PRO A 91 9.94 7.63 -19.32
C PRO A 91 8.80 7.33 -18.33
N TYR A 92 9.09 7.67 -17.06
CA TYR A 92 8.06 7.39 -16.03
C TYR A 92 6.84 8.32 -16.24
N ALA A 93 5.69 7.67 -16.16
CA ALA A 93 4.42 8.31 -16.51
C ALA A 93 3.33 7.98 -15.53
N SER A 94 3.69 7.44 -14.37
CA SER A 94 2.67 6.91 -13.45
C SER A 94 2.62 7.73 -12.16
N GLY A 95 3.23 8.89 -12.15
CA GLY A 95 3.34 9.74 -10.93
C GLY A 95 2.01 10.28 -10.41
N GLU A 96 0.94 10.21 -11.18
CA GLU A 96 -0.43 10.58 -10.63
C GLU A 96 -1.23 9.33 -10.40
N GLY A 97 -0.66 8.14 -10.49
CA GLY A 97 -1.31 6.93 -10.09
C GLY A 97 -1.94 6.17 -11.18
N ILE A 98 -1.75 6.58 -12.42
CA ILE A 98 -2.30 5.86 -13.55
C ILE A 98 -1.20 5.47 -14.52
N SER A 99 -1.03 4.20 -14.72
CA SER A 99 0.09 3.71 -15.56
C SER A 99 -0.47 3.59 -17.00
N PRO A 100 0.25 4.16 -17.99
CA PRO A 100 -0.19 3.94 -19.38
C PRO A 100 -0.11 2.44 -19.71
N PRO A 101 -0.81 1.98 -20.77
CA PRO A 101 -0.70 0.60 -21.19
C PRO A 101 0.71 0.32 -21.72
N CYS A 102 1.05 -0.95 -21.64
CA CYS A 102 2.32 -1.44 -22.13
C CYS A 102 2.46 -1.13 -23.61
N THR A 103 3.60 -0.61 -23.95
CA THR A 103 3.96 -0.36 -25.40
C THR A 103 5.26 -1.14 -25.55
N THR A 104 5.32 -1.91 -26.63
CA THR A 104 6.54 -2.69 -26.91
C THR A 104 7.54 -2.09 -27.84
N SER A 105 7.03 -1.43 -28.87
CA SER A 105 7.87 -0.80 -29.84
C SER A 105 8.24 0.66 -29.45
N GLY A 106 9.37 1.20 -29.93
CA GLY A 106 9.90 2.50 -29.82
C GLY A 106 10.81 2.73 -28.60
N HIS A 107 11.09 1.72 -27.86
CA HIS A 107 11.96 1.76 -26.71
C HIS A 107 13.29 1.17 -26.99
N THR A 108 14.31 1.69 -26.30
CA THR A 108 15.75 1.41 -26.54
C THR A 108 16.29 0.60 -25.39
N VAL A 109 16.92 -0.52 -25.59
CA VAL A 109 17.46 -1.29 -24.50
C VAL A 109 18.70 -0.64 -23.91
N GLY A 110 18.62 -0.38 -22.60
CA GLY A 110 19.75 0.24 -21.84
C GLY A 110 20.63 -0.72 -21.13
N ALA A 111 20.15 -1.88 -20.77
CA ALA A 111 20.90 -2.89 -20.00
C ALA A 111 20.33 -4.22 -20.21
N THR A 112 21.09 -5.29 -20.04
CA THR A 112 20.58 -6.65 -20.12
C THR A 112 21.05 -7.38 -18.89
N ILE A 113 20.15 -8.20 -18.33
CA ILE A 113 20.46 -9.08 -17.22
C ILE A 113 20.26 -10.52 -17.59
N THR A 114 20.95 -11.47 -16.94
CA THR A 114 20.81 -12.86 -17.29
C THR A 114 20.04 -13.67 -16.25
N GLY A 115 19.80 -13.08 -15.06
CA GLY A 115 19.19 -13.85 -13.97
C GLY A 115 19.15 -12.94 -12.72
N HIS A 116 18.84 -13.58 -11.61
CA HIS A 116 18.98 -12.83 -10.31
C HIS A 116 19.30 -13.85 -9.26
N VAL A 117 19.81 -13.32 -8.14
CA VAL A 117 20.13 -14.19 -6.97
C VAL A 117 19.35 -13.67 -5.78
N GLU A 118 18.84 -14.63 -5.05
CA GLU A 118 18.07 -14.39 -3.82
C GLU A 118 19.08 -14.62 -2.73
N LEU A 119 19.37 -13.61 -1.91
CA LEU A 119 20.46 -13.77 -0.92
C LEU A 119 19.96 -14.38 0.40
N PRO A 120 20.91 -14.90 1.21
CA PRO A 120 20.52 -15.46 2.50
C PRO A 120 19.90 -14.41 3.39
N GLN A 121 19.03 -14.94 4.28
CA GLN A 121 18.36 -14.07 5.29
C GLN A 121 19.36 -13.79 6.44
N ASP A 122 20.42 -13.09 6.16
CA ASP A 122 21.55 -12.96 7.07
C ASP A 122 22.26 -11.71 6.80
N GLU A 123 22.23 -10.75 7.70
CA GLU A 123 22.76 -9.42 7.40
C GLU A 123 24.24 -9.43 7.11
N ALA A 124 25.02 -10.22 7.88
CA ALA A 124 26.44 -10.30 7.56
C ALA A 124 26.71 -10.85 6.17
N GLN A 125 25.98 -11.85 5.74
CA GLN A 125 26.23 -12.38 4.38
C GLN A 125 25.75 -11.33 3.36
N ILE A 126 24.61 -10.65 3.56
CA ILE A 126 24.22 -9.63 2.61
C ILE A 126 25.25 -8.51 2.46
N ALA A 127 25.83 -8.12 3.62
CA ALA A 127 26.84 -7.07 3.56
C ALA A 127 28.10 -7.54 2.82
N ALA A 128 28.52 -8.79 3.08
CA ALA A 128 29.71 -9.24 2.39
C ALA A 128 29.47 -9.34 0.89
N TRP A 129 28.27 -9.78 0.53
CA TRP A 129 27.90 -9.86 -0.91
C TRP A 129 27.89 -8.48 -1.49
N LEU A 130 27.26 -7.50 -0.78
CA LEU A 130 27.21 -6.15 -1.28
C LEU A 130 28.61 -5.48 -1.51
N ALA A 131 29.50 -5.80 -0.58
CA ALA A 131 30.87 -5.19 -0.74
C ALA A 131 31.57 -5.63 -2.03
N VAL A 132 31.37 -6.90 -2.42
CA VAL A 132 32.02 -7.46 -3.62
C VAL A 132 31.18 -7.16 -4.87
N ASN A 133 29.84 -7.16 -4.79
CA ASN A 133 28.99 -7.22 -5.97
C ASN A 133 28.06 -6.11 -6.10
N GLY A 134 27.92 -5.21 -5.13
CA GLY A 134 27.18 -3.98 -5.38
C GLY A 134 25.85 -3.93 -4.63
N PRO A 135 25.16 -2.84 -4.95
CA PRO A 135 23.82 -2.65 -4.24
C PRO A 135 22.82 -3.79 -4.44
N VAL A 136 22.00 -3.94 -3.39
CA VAL A 136 21.09 -5.06 -3.26
C VAL A 136 19.64 -4.56 -3.07
N ALA A 137 18.70 -5.07 -3.89
CA ALA A 137 17.28 -4.74 -3.68
C ALA A 137 16.82 -5.44 -2.39
N VAL A 138 16.08 -4.70 -1.54
CA VAL A 138 15.48 -5.37 -0.31
C VAL A 138 14.06 -4.89 -0.11
N ALA A 139 13.29 -5.86 0.33
CA ALA A 139 11.92 -5.52 0.87
C ALA A 139 12.09 -5.14 2.34
N VAL A 140 11.30 -4.17 2.73
CA VAL A 140 11.33 -3.69 4.15
C VAL A 140 9.91 -3.39 4.59
N ASP A 141 9.72 -3.32 5.93
CA ASP A 141 8.54 -2.68 6.51
C ASP A 141 8.92 -1.20 6.68
N ALA A 142 8.33 -0.28 5.89
CA ALA A 142 8.58 1.13 5.96
C ALA A 142 7.39 1.88 6.56
N SER A 143 6.49 1.12 7.25
CA SER A 143 5.36 1.82 7.79
C SER A 143 5.77 2.87 8.82
N SER A 144 6.86 2.64 9.53
CA SER A 144 7.33 3.65 10.53
C SER A 144 8.27 4.73 10.00
N TRP A 145 8.36 4.81 8.66
CA TRP A 145 9.26 5.80 8.05
C TRP A 145 8.69 7.17 7.76
N MET A 146 7.43 7.35 8.19
CA MET A 146 6.73 8.57 7.75
C MET A 146 7.21 9.84 8.40
N THR A 147 7.80 9.74 9.58
CA THR A 147 8.31 10.92 10.25
C THR A 147 9.84 11.04 10.18
N TYR A 148 10.52 10.11 9.51
CA TYR A 148 11.99 10.08 9.55
C TYR A 148 12.54 11.29 8.87
N THR A 149 13.51 11.96 9.55
CA THR A 149 14.17 13.09 8.92
C THR A 149 15.70 12.89 8.84
N GLY A 150 16.24 11.98 9.64
CA GLY A 150 17.68 11.78 9.65
C GLY A 150 18.13 10.96 10.86
N GLY A 151 19.41 10.60 10.82
CA GLY A 151 19.93 9.77 11.89
C GLY A 151 19.84 8.28 11.65
N VAL A 152 20.33 7.46 12.52
CA VAL A 152 20.33 5.99 12.38
C VAL A 152 19.09 5.45 13.07
N MET A 153 18.16 4.87 12.34
CA MET A 153 16.96 4.41 12.99
C MET A 153 17.25 3.16 13.77
N THR A 154 16.84 3.11 15.06
CA THR A 154 17.06 1.92 15.86
C THR A 154 15.74 1.27 16.43
N SER A 155 14.60 1.84 16.05
CA SER A 155 13.24 1.37 16.50
C SER A 155 12.31 1.18 15.29
N CYS A 156 12.84 0.71 14.16
CA CYS A 156 11.98 0.54 12.99
C CYS A 156 10.96 -0.57 13.32
N VAL A 157 9.69 -0.29 12.97
CA VAL A 157 8.61 -1.26 13.16
C VAL A 157 8.85 -2.41 12.16
N SER A 158 9.00 -3.62 12.62
CA SER A 158 9.57 -4.65 11.78
C SER A 158 8.56 -5.84 11.77
N GLU A 159 7.41 -5.60 11.07
CA GLU A 159 6.29 -6.50 11.16
C GLU A 159 5.75 -7.01 9.84
N GLN A 160 5.77 -6.20 8.76
CA GLN A 160 5.18 -6.67 7.51
C GLN A 160 5.93 -5.95 6.41
N LEU A 161 6.42 -6.75 5.44
CA LEU A 161 7.11 -6.22 4.26
C LEU A 161 6.14 -5.50 3.45
N ASP A 162 6.35 -4.25 3.21
CA ASP A 162 5.36 -3.41 2.52
C ASP A 162 5.98 -2.43 1.51
N HIS A 163 7.32 -2.49 1.35
CA HIS A 163 8.05 -1.49 0.54
C HIS A 163 9.28 -2.12 0.00
N GLY A 164 9.78 -1.59 -1.12
CA GLY A 164 11.05 -2.06 -1.73
C GLY A 164 11.95 -0.83 -1.93
N VAL A 165 13.24 -1.10 -1.54
CA VAL A 165 14.24 -0.05 -1.56
C VAL A 165 15.58 -0.66 -1.99
N LEU A 166 16.66 0.14 -1.94
CA LEU A 166 17.96 -0.37 -2.41
C LEU A 166 19.02 -0.15 -1.33
N LEU A 167 19.68 -1.21 -0.91
CA LEU A 167 20.82 -1.09 -0.04
C LEU A 167 22.01 -0.62 -0.88
N VAL A 168 22.62 0.50 -0.50
CA VAL A 168 23.75 1.05 -1.32
C VAL A 168 25.02 1.03 -0.49
N GLY A 169 25.04 0.63 0.78
CA GLY A 169 26.27 0.65 1.57
C GLY A 169 25.95 0.31 2.99
N TYR A 170 27.02 0.30 3.81
CA TYR A 170 26.89 0.09 5.23
C TYR A 170 28.08 0.68 5.87
N ASN A 171 28.02 0.82 7.20
CA ASN A 171 29.21 1.25 8.00
C ASN A 171 29.27 0.50 9.30
N ASP A 172 30.14 -0.46 9.44
CA ASP A 172 30.29 -1.30 10.67
C ASP A 172 31.18 -0.59 11.69
N SER A 173 31.78 0.53 11.36
CA SER A 173 32.76 1.25 12.28
C SER A 173 32.01 2.23 13.15
N ALA A 174 30.78 2.63 12.80
CA ALA A 174 30.10 3.76 13.47
C ALA A 174 29.62 3.25 14.87
N ALA A 175 29.37 4.21 15.73
CA ALA A 175 28.94 3.93 17.08
C ALA A 175 27.70 3.05 17.09
N VAL A 176 26.82 3.40 16.12
CA VAL A 176 25.68 2.51 15.82
C VAL A 176 25.90 2.04 14.35
N PRO A 177 26.32 0.80 14.14
CA PRO A 177 26.50 0.32 12.77
C PRO A 177 25.22 0.43 11.96
N TYR A 178 25.34 0.85 10.70
CA TYR A 178 24.11 1.09 9.91
C TYR A 178 24.22 0.61 8.47
N TRP A 179 23.04 0.43 7.86
CA TRP A 179 22.88 0.28 6.40
C TRP A 179 22.58 1.65 5.86
N ILE A 180 22.94 1.92 4.56
CA ILE A 180 22.56 3.13 3.83
C ILE A 180 21.61 2.66 2.75
N ILE A 181 20.41 3.27 2.73
CA ILE A 181 19.27 2.82 1.85
C ILE A 181 18.85 3.97 1.01
N LYS A 182 18.78 3.66 -0.28
CA LYS A 182 18.15 4.62 -1.24
C LYS A 182 16.66 4.47 -1.36
N ASN A 183 15.91 5.51 -1.02
CA ASN A 183 14.46 5.43 -1.15
C ASN A 183 14.05 6.14 -2.47
N SER A 184 12.76 6.11 -2.76
CA SER A 184 12.23 6.70 -4.02
C SER A 184 11.10 7.68 -3.68
N TRP A 185 11.34 8.54 -2.67
CA TRP A 185 10.33 9.54 -2.19
C TRP A 185 10.93 10.91 -2.31
N THR A 186 11.67 11.16 -3.36
CA THR A 186 12.38 12.43 -3.62
C THR A 186 13.55 12.68 -2.68
N THR A 187 14.36 13.69 -3.06
CA THR A 187 15.49 14.05 -2.21
C THR A 187 15.08 14.86 -0.99
N GLN A 188 13.83 15.31 -0.93
CA GLN A 188 13.38 16.05 0.24
C GLN A 188 13.20 15.18 1.45
N TRP A 189 12.99 13.86 1.23
CA TRP A 189 12.71 12.97 2.31
C TRP A 189 14.01 12.43 2.88
N GLY A 190 14.08 12.37 4.19
CA GLY A 190 15.22 11.70 4.87
C GLY A 190 16.52 12.53 4.63
N GLU A 191 17.61 11.80 4.42
CA GLU A 191 18.94 12.37 4.27
C GLU A 191 19.20 12.48 2.75
N GLU A 192 18.70 13.55 2.14
CA GLU A 192 18.78 13.73 0.70
C GLU A 192 18.24 12.49 -0.07
N GLY A 193 17.15 11.93 0.48
CA GLY A 193 16.48 10.84 -0.19
C GLY A 193 16.90 9.45 0.33
N TYR A 194 17.84 9.39 1.29
CA TYR A 194 18.34 8.13 1.81
C TYR A 194 17.94 8.00 3.28
N ILE A 195 17.99 6.80 3.80
CA ILE A 195 17.74 6.60 5.23
C ILE A 195 18.89 5.68 5.68
N ARG A 196 19.36 5.94 6.90
CA ARG A 196 20.25 4.92 7.57
C ARG A 196 19.44 4.13 8.62
N ILE A 197 19.43 2.84 8.59
CA ILE A 197 18.82 2.03 9.64
C ILE A 197 19.92 1.22 10.29
N ALA A 198 19.74 0.91 11.55
CA ALA A 198 20.81 0.23 12.25
C ALA A 198 20.96 -1.15 11.61
N LYS A 199 22.20 -1.65 11.67
CA LYS A 199 22.56 -2.92 11.03
C LYS A 199 22.89 -3.94 12.10
N GLY A 200 22.34 -5.11 12.00
CA GLY A 200 22.53 -6.23 12.87
C GLY A 200 21.35 -6.71 13.66
N SER A 201 20.24 -5.97 13.56
CA SER A 201 19.03 -6.35 14.40
C SER A 201 17.79 -6.52 13.50
N ASN A 202 18.02 -6.76 12.19
CA ASN A 202 16.92 -6.99 11.23
C ASN A 202 15.93 -5.90 11.34
N GLN A 203 16.43 -4.67 11.43
CA GLN A 203 15.61 -3.42 11.39
C GLN A 203 14.75 -3.49 10.12
N CYS A 204 13.42 -3.27 10.28
CA CYS A 204 12.48 -3.15 9.13
C CYS A 204 12.46 -4.47 8.37
N LEU A 205 12.89 -5.59 8.95
CA LEU A 205 12.91 -6.89 8.27
C LEU A 205 13.81 -6.83 7.03
N VAL A 206 14.85 -6.02 7.10
CA VAL A 206 15.76 -5.80 5.91
C VAL A 206 16.42 -7.08 5.43
N LYS A 207 16.60 -8.10 6.23
CA LYS A 207 17.30 -9.30 5.74
C LYS A 207 16.35 -10.24 5.01
N GLU A 208 15.05 -10.00 5.06
CA GLU A 208 14.12 -11.08 4.72
C GLU A 208 13.94 -11.44 3.20
N GLU A 209 14.11 -10.41 2.36
CA GLU A 209 13.90 -10.64 0.94
C GLU A 209 14.82 -9.73 0.11
N ALA A 210 16.13 -10.09 0.27
CA ALA A 210 17.22 -9.35 -0.40
C ALA A 210 17.59 -10.05 -1.71
N SER A 211 17.78 -9.25 -2.79
CA SER A 211 18.14 -9.97 -4.03
C SER A 211 18.85 -8.96 -4.91
N SER A 212 19.40 -9.52 -6.02
CA SER A 212 20.06 -8.69 -7.04
C SER A 212 19.89 -9.32 -8.42
N ALA A 213 19.78 -8.40 -9.41
CA ALA A 213 19.98 -8.92 -10.82
C ALA A 213 21.41 -9.37 -10.98
N VAL A 214 21.63 -10.24 -11.97
CA VAL A 214 22.98 -10.68 -12.41
C VAL A 214 23.16 -10.17 -13.85
N VAL A 215 24.30 -9.56 -14.12
CA VAL A 215 24.70 -9.04 -15.49
C VAL A 215 25.76 -10.05 -15.96
N GLY A 216 25.59 -10.52 -17.19
CA GLY A 216 26.64 -11.45 -17.78
C GLY A 216 26.55 -12.87 -17.41
N ALA B 2 -35.37 -2.82 -6.59
CA ALA B 2 -34.80 -1.99 -5.45
C ALA B 2 -35.25 -0.57 -5.59
N PRO B 3 -35.18 0.22 -4.54
CA PRO B 3 -35.46 1.63 -4.71
C PRO B 3 -34.63 2.35 -5.82
N ALA B 4 -35.14 3.41 -6.42
CA ALA B 4 -34.39 4.16 -7.48
C ALA B 4 -33.06 4.71 -6.93
N ALA B 5 -33.07 5.13 -5.66
CA ALA B 5 -31.88 5.90 -5.16
C ALA B 5 -31.95 5.81 -3.66
N VAL B 6 -30.86 5.53 -2.96
CA VAL B 6 -30.79 5.49 -1.49
C VAL B 6 -29.57 6.30 -1.08
N ASP B 7 -29.64 7.05 -0.01
CA ASP B 7 -28.45 7.79 0.49
C ASP B 7 -28.50 7.65 2.03
N TRP B 8 -27.73 6.72 2.62
CA TRP B 8 -27.75 6.57 4.07
C TRP B 8 -27.24 7.75 4.82
N ARG B 9 -26.48 8.63 4.19
CA ARG B 9 -26.07 9.85 4.87
C ARG B 9 -27.25 10.74 5.21
N ALA B 10 -28.21 10.80 4.29
CA ALA B 10 -29.37 11.68 4.48
C ALA B 10 -30.27 11.05 5.57
N ARG B 11 -30.19 9.76 5.87
CA ARG B 11 -30.96 9.04 6.85
C ARG B 11 -30.30 9.08 8.25
N GLY B 12 -29.13 9.78 8.36
CA GLY B 12 -28.50 9.90 9.66
C GLY B 12 -27.65 8.75 10.12
N ALA B 13 -27.32 7.80 9.21
CA ALA B 13 -26.71 6.56 9.60
C ALA B 13 -25.17 6.56 9.48
N VAL B 14 -24.64 7.69 9.00
CA VAL B 14 -23.19 7.70 8.63
C VAL B 14 -22.48 8.75 9.48
N THR B 15 -21.36 8.34 10.15
CA THR B 15 -20.56 9.30 10.95
C THR B 15 -19.69 10.16 10.03
N ALA B 16 -19.02 11.10 10.64
CA ALA B 16 -18.16 11.99 9.85
C ALA B 16 -17.07 11.27 9.08
N VAL B 17 -16.65 11.92 7.97
CA VAL B 17 -15.50 11.40 7.20
C VAL B 17 -14.25 11.53 8.04
N LYS B 18 -13.46 10.45 8.00
CA LYS B 18 -12.20 10.37 8.77
C LYS B 18 -10.93 10.57 7.93
N ASP B 19 -9.81 10.62 8.69
CA ASP B 19 -8.48 10.75 8.07
C ASP B 19 -7.64 9.64 8.60
N GLN B 20 -7.29 8.68 7.75
CA GLN B 20 -6.42 7.58 8.21
C GLN B 20 -5.01 8.08 8.45
N GLY B 21 -4.68 9.24 7.90
CA GLY B 21 -3.27 9.76 8.06
C GLY B 21 -2.30 9.00 7.22
N GLN B 22 -1.06 8.95 7.71
CA GLN B 22 0.01 8.27 6.96
C GLN B 22 0.14 6.85 7.39
N CYS B 23 -0.94 6.07 7.18
CA CYS B 23 -1.07 4.72 7.69
C CYS B 23 -1.99 3.97 6.79
N GLY B 24 -1.63 2.76 6.40
CA GLY B 24 -2.48 1.99 5.49
C GLY B 24 -3.61 1.23 6.22
N SER B 25 -4.38 1.96 7.04
CA SER B 25 -5.45 1.36 7.90
C SER B 25 -6.81 1.50 7.25
N CYS B 26 -6.84 1.75 5.94
CA CYS B 26 -8.13 1.95 5.20
C CYS B 26 -9.01 0.78 5.56
N TRP B 27 -8.54 -0.47 5.64
CA TRP B 27 -9.32 -1.67 5.93
C TRP B 27 -10.09 -1.48 7.22
N ALA B 28 -9.45 -0.91 8.25
CA ALA B 28 -10.08 -0.77 9.58
C ALA B 28 -11.08 0.38 9.51
N PHE B 29 -10.84 1.42 8.77
CA PHE B 29 -11.88 2.47 8.59
C PHE B 29 -13.08 1.98 7.85
N SER B 30 -12.90 1.09 6.87
CA SER B 30 -14.05 0.55 6.11
C SER B 30 -14.83 -0.38 7.06
N ALA B 31 -14.18 -1.26 7.83
CA ALA B 31 -14.89 -2.17 8.70
C ALA B 31 -15.61 -1.40 9.77
N ILE B 32 -14.94 -0.46 10.45
CA ILE B 32 -15.58 0.25 11.60
C ILE B 32 -16.66 1.12 11.06
N GLY B 33 -16.50 1.78 9.91
CA GLY B 33 -17.59 2.60 9.39
C GLY B 33 -18.81 1.72 9.17
N ASN B 34 -18.66 0.54 8.60
CA ASN B 34 -19.78 -0.39 8.43
C ASN B 34 -20.37 -0.78 9.77
N VAL B 35 -19.58 -1.02 10.79
CA VAL B 35 -20.24 -1.40 12.07
C VAL B 35 -20.95 -0.24 12.65
N GLU B 36 -20.45 0.96 12.53
CA GLU B 36 -21.14 2.19 13.07
C GLU B 36 -22.50 2.29 12.44
N CYS B 37 -22.59 2.12 11.13
CA CYS B 37 -23.87 2.27 10.46
C CYS B 37 -24.80 1.10 10.80
N GLN B 38 -24.36 -0.14 10.84
CA GLN B 38 -25.18 -1.28 11.20
C GLN B 38 -25.69 -1.09 12.60
N TRP B 39 -24.88 -0.60 13.55
CA TRP B 39 -25.35 -0.43 14.95
C TRP B 39 -26.45 0.61 14.99
N PHE B 40 -26.29 1.73 14.34
CA PHE B 40 -27.37 2.68 14.28
C PHE B 40 -28.64 2.12 13.66
N LEU B 41 -28.54 1.33 12.60
CA LEU B 41 -29.74 0.85 11.90
C LEU B 41 -30.35 -0.25 12.70
N ALA B 42 -29.77 -0.75 13.78
CA ALA B 42 -30.44 -1.75 14.71
C ALA B 42 -31.19 -0.98 15.80
N GLY B 43 -31.24 0.32 15.73
CA GLY B 43 -32.05 1.14 16.60
C GLY B 43 -31.28 1.78 17.72
N HIS B 44 -29.93 1.68 17.71
CA HIS B 44 -29.13 2.36 18.70
C HIS B 44 -28.69 3.72 18.26
N PRO B 45 -28.25 4.60 19.18
CA PRO B 45 -27.79 5.89 18.76
C PRO B 45 -26.54 5.75 17.86
N LEU B 46 -26.38 6.69 16.99
CA LEU B 46 -25.14 6.70 16.13
C LEU B 46 -23.96 6.97 17.05
N THR B 47 -23.03 6.02 17.04
CA THR B 47 -21.95 5.96 18.00
C THR B 47 -20.66 5.96 17.21
N ASN B 48 -19.66 6.67 17.78
CA ASN B 48 -18.30 6.69 17.16
C ASN B 48 -17.51 5.52 17.69
N LEU B 49 -16.97 4.68 16.80
CA LEU B 49 -16.30 3.47 17.21
C LEU B 49 -14.82 3.46 16.78
N SER B 50 -14.07 2.55 17.36
CA SER B 50 -12.55 2.60 17.30
C SER B 50 -11.90 1.76 16.20
N GLU B 51 -11.35 2.51 15.21
CA GLU B 51 -10.40 1.88 14.30
C GLU B 51 -9.12 1.42 15.01
N GLN B 52 -8.66 2.16 16.01
CA GLN B 52 -7.38 1.84 16.65
C GLN B 52 -7.48 0.50 17.28
N MET B 53 -8.63 0.02 17.84
CA MET B 53 -8.75 -1.28 18.36
C MET B 53 -8.30 -2.31 17.34
N LEU B 54 -8.79 -2.17 16.07
CA LEU B 54 -8.34 -3.17 15.04
C LEU B 54 -6.85 -2.96 14.68
N VAL B 55 -6.44 -1.72 14.44
CA VAL B 55 -5.03 -1.46 14.00
C VAL B 55 -4.07 -2.07 15.02
N SER B 56 -4.32 -1.84 16.32
CA SER B 56 -3.41 -2.32 17.37
C SER B 56 -3.63 -3.76 17.67
N CYS B 57 -4.84 -4.29 17.74
CA CYS B 57 -5.14 -5.56 18.40
C CYS B 57 -5.39 -6.70 17.45
N ASP B 58 -5.91 -6.41 16.24
CA ASP B 58 -6.23 -7.50 15.27
C ASP B 58 -4.92 -7.98 14.60
N LYS B 59 -4.35 -9.06 15.12
CA LYS B 59 -3.06 -9.52 14.63
C LYS B 59 -3.25 -10.43 13.42
N THR B 60 -4.48 -10.74 12.99
CA THR B 60 -4.69 -11.36 11.67
C THR B 60 -4.35 -10.40 10.55
N ASP B 61 -4.64 -9.15 10.74
CA ASP B 61 -4.33 -8.11 9.81
C ASP B 61 -2.97 -7.43 10.12
N SER B 62 -2.59 -6.42 9.35
CA SER B 62 -1.17 -5.96 9.42
C SER B 62 -1.09 -4.49 9.68
N GLY B 63 -2.03 -3.95 10.45
CA GLY B 63 -1.88 -2.61 10.98
C GLY B 63 -1.82 -1.57 9.89
N CYS B 64 -0.81 -0.67 9.91
CA CYS B 64 -0.55 0.32 8.90
C CYS B 64 -0.04 -0.26 7.57
N SER B 65 0.21 -1.54 7.53
CA SER B 65 0.63 -2.20 6.28
C SER B 65 -0.50 -2.98 5.66
N GLY B 66 -1.75 -2.80 6.09
CA GLY B 66 -2.92 -3.30 5.36
C GLY B 66 -3.66 -4.45 5.99
N GLY B 67 -4.82 -4.81 5.42
CA GLY B 67 -5.69 -5.88 6.06
C GLY B 67 -6.86 -6.10 5.18
N LEU B 68 -7.76 -6.95 5.69
CA LEU B 68 -8.98 -7.18 4.96
C LEU B 68 -10.14 -6.87 5.91
N MET B 69 -11.20 -6.29 5.40
CA MET B 69 -12.34 -6.04 6.24
C MET B 69 -12.97 -7.35 6.74
N ASN B 70 -13.01 -8.44 5.94
CA ASN B 70 -13.61 -9.69 6.41
C ASN B 70 -12.79 -10.29 7.52
N ASN B 71 -11.43 -10.11 7.48
CA ASN B 71 -10.66 -10.60 8.60
C ASN B 71 -10.91 -9.76 9.86
N ALA B 72 -11.13 -8.45 9.72
CA ALA B 72 -11.44 -7.63 10.87
C ALA B 72 -12.79 -8.03 11.53
N PHE B 73 -13.81 -8.29 10.70
CA PHE B 73 -15.09 -8.75 11.27
C PHE B 73 -14.91 -10.08 12.01
N GLU B 74 -14.14 -10.97 11.39
CA GLU B 74 -13.86 -12.26 12.05
C GLU B 74 -13.10 -12.07 13.33
N TRP B 75 -12.11 -11.17 13.37
CA TRP B 75 -11.35 -10.96 14.60
C TRP B 75 -12.28 -10.45 15.68
N ILE B 76 -13.15 -9.47 15.35
CA ILE B 76 -14.01 -8.92 16.40
C ILE B 76 -14.83 -10.00 17.01
N VAL B 77 -15.44 -10.87 16.20
CA VAL B 77 -16.31 -11.92 16.79
C VAL B 77 -15.50 -13.01 17.44
N GLN B 78 -14.42 -13.44 16.81
CA GLN B 78 -13.73 -14.67 17.29
C GLN B 78 -12.77 -14.40 18.39
N GLU B 79 -12.16 -13.21 18.42
CA GLU B 79 -11.12 -12.84 19.37
C GLU B 79 -11.57 -11.79 20.34
N ASN B 80 -12.55 -10.95 19.98
CA ASN B 80 -12.98 -9.95 20.92
C ASN B 80 -14.44 -10.08 21.42
N ASN B 81 -14.93 -11.27 21.30
CA ASN B 81 -16.30 -11.58 21.83
C ASN B 81 -17.37 -10.66 21.24
N GLY B 82 -17.20 -10.24 19.99
CA GLY B 82 -18.15 -9.39 19.31
C GLY B 82 -18.04 -7.91 19.61
N ALA B 83 -17.15 -7.59 20.52
CA ALA B 83 -17.14 -6.18 21.02
C ALA B 83 -16.36 -5.22 20.10
N VAL B 84 -16.91 -4.01 19.90
CA VAL B 84 -16.20 -2.93 19.20
C VAL B 84 -16.14 -1.77 20.17
N TYR B 85 -14.94 -1.28 20.50
CA TYR B 85 -14.88 -0.24 21.48
C TYR B 85 -15.26 1.09 20.91
N THR B 86 -15.71 2.03 21.76
CA THR B 86 -15.92 3.37 21.37
C THR B 86 -14.59 4.08 20.94
N GLU B 87 -14.71 5.04 20.06
CA GLU B 87 -13.55 5.93 19.69
C GLU B 87 -12.96 6.59 20.92
N ASP B 88 -13.77 7.14 21.81
CA ASP B 88 -13.15 7.92 22.92
C ASP B 88 -12.55 6.95 23.90
N SER B 89 -12.88 5.66 23.96
CA SER B 89 -12.19 4.75 24.81
C SER B 89 -10.92 4.08 24.22
N TYR B 90 -10.67 4.35 22.91
CA TYR B 90 -9.52 3.73 22.24
C TYR B 90 -9.21 4.60 21.05
N PRO B 91 -8.72 5.81 21.18
CA PRO B 91 -8.72 6.87 20.14
C PRO B 91 -7.64 6.54 19.09
N TYR B 92 -7.91 7.02 17.88
CA TYR B 92 -6.99 6.80 16.77
C TYR B 92 -5.67 7.46 17.08
N ALA B 93 -4.59 6.74 16.91
CA ALA B 93 -3.25 7.27 17.23
C ALA B 93 -2.24 6.85 16.22
N SER B 94 -2.67 6.33 15.04
CA SER B 94 -1.71 5.80 14.06
C SER B 94 -1.55 6.73 12.89
N GLY B 95 -1.93 8.01 12.98
CA GLY B 95 -1.91 8.91 11.85
C GLY B 95 -0.53 9.31 11.36
N GLU B 96 0.51 9.03 12.12
CA GLU B 96 1.92 9.32 11.56
C GLU B 96 2.50 7.94 11.29
N GLY B 97 1.76 6.83 11.19
CA GLY B 97 2.36 5.57 10.77
C GLY B 97 2.76 4.67 11.87
N ILE B 98 2.61 5.08 13.15
CA ILE B 98 3.10 4.26 14.22
C ILE B 98 1.84 3.87 15.10
N SER B 99 1.51 2.60 15.19
CA SER B 99 0.32 2.18 15.96
C SER B 99 0.79 1.92 17.38
N PRO B 100 0.06 2.40 18.38
CA PRO B 100 0.37 1.87 19.75
C PRO B 100 0.14 0.33 19.92
N PRO B 101 0.83 -0.28 20.88
CA PRO B 101 0.54 -1.67 21.21
C PRO B 101 -0.91 -1.86 21.58
N CYS B 102 -1.38 -3.07 21.42
CA CYS B 102 -2.67 -3.45 21.88
C CYS B 102 -2.73 -3.38 23.38
N THR B 103 -3.80 -2.80 23.89
CA THR B 103 -4.16 -2.91 25.30
C THR B 103 -5.49 -3.57 25.43
N THR B 104 -5.61 -4.56 26.31
CA THR B 104 -6.86 -5.33 26.40
C THR B 104 -7.83 -4.73 27.40
N SER B 105 -7.34 -3.98 28.38
CA SER B 105 -8.26 -3.48 29.39
C SER B 105 -8.35 -1.97 29.28
N GLY B 106 -9.34 -1.39 29.96
CA GLY B 106 -9.38 0.05 29.99
C GLY B 106 -10.37 0.65 28.98
N HIS B 107 -10.93 -0.17 28.09
CA HIS B 107 -11.78 0.30 26.97
C HIS B 107 -13.21 0.12 27.25
N THR B 108 -14.10 0.78 26.50
CA THR B 108 -15.56 0.66 26.76
C THR B 108 -16.21 0.18 25.47
N VAL B 109 -17.08 -0.81 25.59
CA VAL B 109 -17.76 -1.35 24.41
C VAL B 109 -18.83 -0.39 23.92
N GLY B 110 -18.73 0.04 22.66
CA GLY B 110 -19.74 0.82 22.01
C GLY B 110 -20.74 0.08 21.16
N ALA B 111 -20.37 -1.09 20.63
CA ALA B 111 -21.30 -1.82 19.72
C ALA B 111 -20.91 -3.31 19.85
N THR B 112 -21.83 -4.19 19.52
CA THR B 112 -21.49 -5.61 19.48
C THR B 112 -22.07 -6.18 18.24
N ILE B 113 -21.27 -7.04 17.59
CA ILE B 113 -21.69 -7.72 16.37
C ILE B 113 -21.69 -9.23 16.59
N THR B 114 -22.47 -9.92 15.78
CA THR B 114 -22.51 -11.36 15.98
C THR B 114 -21.92 -12.15 14.84
N GLY B 115 -21.50 -11.46 13.78
CA GLY B 115 -20.96 -12.19 12.59
C GLY B 115 -20.89 -11.19 11.48
N HIS B 116 -20.69 -11.68 10.27
CA HIS B 116 -20.73 -10.83 9.09
C HIS B 116 -21.24 -11.62 7.88
N VAL B 117 -21.73 -10.91 6.88
CA VAL B 117 -22.21 -11.58 5.67
C VAL B 117 -21.31 -11.08 4.51
N GLU B 118 -20.92 -12.05 3.64
CA GLU B 118 -20.14 -11.71 2.42
C GLU B 118 -21.18 -11.73 1.31
N LEU B 119 -21.36 -10.60 0.60
CA LEU B 119 -22.41 -10.39 -0.37
C LEU B 119 -21.96 -10.96 -1.72
N PRO B 120 -22.95 -11.34 -2.55
CA PRO B 120 -22.60 -11.84 -3.89
C PRO B 120 -21.85 -10.86 -4.71
N GLN B 121 -21.07 -11.39 -5.67
CA GLN B 121 -20.30 -10.52 -6.54
C GLN B 121 -21.17 -9.99 -7.68
N ASP B 122 -22.13 -9.17 -7.31
CA ASP B 122 -23.18 -8.75 -8.23
C ASP B 122 -23.65 -7.33 -7.83
N GLU B 123 -23.48 -6.32 -8.62
CA GLU B 123 -23.83 -4.94 -8.21
C GLU B 123 -25.33 -4.75 -7.93
N ALA B 124 -26.23 -5.36 -8.72
CA ALA B 124 -27.64 -5.17 -8.44
C ALA B 124 -27.98 -5.91 -7.12
N GLN B 125 -27.46 -7.07 -6.79
CA GLN B 125 -27.77 -7.71 -5.52
C GLN B 125 -27.13 -6.92 -4.34
N ILE B 126 -25.95 -6.31 -4.53
CA ILE B 126 -25.41 -5.48 -3.41
C ILE B 126 -26.30 -4.26 -3.25
N ALA B 127 -26.78 -3.62 -4.28
CA ALA B 127 -27.61 -2.44 -4.13
C ALA B 127 -28.92 -2.84 -3.39
N ALA B 128 -29.55 -3.96 -3.79
CA ALA B 128 -30.80 -4.33 -3.14
C ALA B 128 -30.59 -4.63 -1.67
N TRP B 129 -29.47 -5.24 -1.32
CA TRP B 129 -29.15 -5.55 0.07
C TRP B 129 -28.92 -4.21 0.80
N LEU B 130 -28.14 -3.29 0.26
CA LEU B 130 -27.84 -1.96 0.87
C LEU B 130 -29.13 -1.18 1.11
N ALA B 131 -30.11 -1.23 0.18
CA ALA B 131 -31.30 -0.43 0.38
C ALA B 131 -32.06 -0.93 1.62
N VAL B 132 -32.08 -2.19 1.90
CA VAL B 132 -32.81 -2.73 3.08
C VAL B 132 -31.96 -2.71 4.30
N ASN B 133 -30.63 -2.95 4.19
CA ASN B 133 -29.87 -3.39 5.39
C ASN B 133 -28.78 -2.34 5.65
N GLY B 134 -28.46 -1.40 4.77
CA GLY B 134 -27.55 -0.26 5.12
C GLY B 134 -26.20 -0.40 4.43
N PRO B 135 -25.33 0.51 4.80
CA PRO B 135 -24.00 0.59 4.16
C PRO B 135 -23.17 -0.66 4.23
N VAL B 136 -22.35 -0.85 3.16
CA VAL B 136 -21.68 -2.13 2.86
C VAL B 136 -20.13 -1.79 2.71
N ALA B 137 -19.31 -2.58 3.46
CA ALA B 137 -17.81 -2.47 3.28
C ALA B 137 -17.45 -3.07 1.92
N VAL B 138 -16.61 -2.36 1.18
CA VAL B 138 -16.17 -2.94 -0.13
C VAL B 138 -14.65 -2.73 -0.26
N ALA B 139 -14.03 -3.74 -0.86
CA ALA B 139 -12.71 -3.54 -1.39
C ALA B 139 -12.75 -2.98 -2.79
N VAL B 140 -11.83 -2.14 -3.13
CA VAL B 140 -11.76 -1.47 -4.47
C VAL B 140 -10.29 -1.41 -4.91
N ASP B 141 -10.15 -1.21 -6.22
CA ASP B 141 -8.89 -0.66 -6.78
C ASP B 141 -9.02 0.84 -6.76
N ALA B 142 -8.29 1.43 -5.82
CA ALA B 142 -8.30 2.87 -5.73
C ALA B 142 -7.02 3.62 -6.23
N SER B 143 -6.25 2.86 -7.03
CA SER B 143 -4.98 3.36 -7.57
C SER B 143 -5.19 4.59 -8.42
N SER B 144 -6.33 4.66 -9.13
CA SER B 144 -6.63 5.77 -10.03
C SER B 144 -7.42 6.90 -9.39
N TRP B 145 -7.47 6.91 -8.05
CA TRP B 145 -8.27 7.95 -7.31
C TRP B 145 -7.45 9.11 -6.86
N MET B 146 -6.18 9.23 -7.26
CA MET B 146 -5.34 10.28 -6.74
C MET B 146 -5.66 11.65 -7.27
N THR B 147 -6.34 11.81 -8.36
CA THR B 147 -6.54 13.18 -8.79
C THR B 147 -8.03 13.51 -8.69
N TYR B 148 -8.85 12.53 -8.24
CA TYR B 148 -10.31 12.79 -8.15
C TYR B 148 -10.66 14.03 -7.33
N THR B 149 -11.52 14.88 -7.92
CA THR B 149 -12.02 16.04 -7.16
C THR B 149 -13.54 16.04 -7.18
N GLY B 150 -14.15 15.25 -8.03
CA GLY B 150 -15.63 15.29 -8.10
C GLY B 150 -16.20 14.76 -9.38
N GLY B 151 -17.53 14.70 -9.42
CA GLY B 151 -18.19 14.03 -10.53
C GLY B 151 -18.31 12.53 -10.48
N VAL B 152 -18.89 11.90 -11.48
CA VAL B 152 -19.07 10.44 -11.49
C VAL B 152 -17.92 9.80 -12.25
N MET B 153 -17.08 9.05 -11.56
CA MET B 153 -15.94 8.37 -12.23
C MET B 153 -16.42 7.22 -13.11
N THR B 154 -15.96 7.27 -14.39
CA THR B 154 -16.41 6.26 -15.34
C THR B 154 -15.27 5.48 -15.94
N SER B 155 -14.04 5.79 -15.60
CA SER B 155 -12.97 4.96 -16.14
C SER B 155 -11.98 4.63 -15.02
N CYS B 156 -12.52 4.09 -13.94
CA CYS B 156 -11.66 3.69 -12.82
C CYS B 156 -10.75 2.54 -13.28
N VAL B 157 -9.47 2.58 -12.92
CA VAL B 157 -8.54 1.45 -13.14
C VAL B 157 -9.02 0.34 -12.27
N SER B 158 -9.32 -0.82 -12.83
CA SER B 158 -9.99 -1.92 -12.20
C SER B 158 -9.23 -3.20 -12.30
N GLU B 159 -8.09 -3.24 -11.60
CA GLU B 159 -7.10 -4.29 -11.79
C GLU B 159 -6.72 -5.05 -10.58
N GLN B 160 -6.62 -4.35 -9.40
CA GLN B 160 -6.11 -5.02 -8.18
C GLN B 160 -6.80 -4.39 -6.94
N LEU B 161 -7.42 -5.23 -6.12
CA LEU B 161 -8.07 -4.66 -4.90
C LEU B 161 -6.93 -4.14 -4.02
N ASP B 162 -6.93 -2.88 -3.63
CA ASP B 162 -5.85 -2.31 -2.83
C ASP B 162 -6.33 -1.39 -1.72
N HIS B 163 -7.66 -1.24 -1.58
CA HIS B 163 -8.24 -0.19 -0.68
C HIS B 163 -9.55 -0.73 -0.18
N GLY B 164 -9.89 -0.26 1.02
CA GLY B 164 -11.25 -0.60 1.60
C GLY B 164 -11.99 0.69 1.91
N VAL B 165 -13.30 0.74 1.48
CA VAL B 165 -14.13 1.98 1.60
C VAL B 165 -15.55 1.44 1.99
N LEU B 166 -16.50 2.43 1.99
CA LEU B 166 -17.87 2.08 2.49
C LEU B 166 -18.88 2.62 1.44
N LEU B 167 -19.66 1.68 0.88
CA LEU B 167 -20.83 2.08 0.10
C LEU B 167 -21.92 2.64 1.01
N VAL B 168 -22.31 3.89 0.74
CA VAL B 168 -23.35 4.46 1.58
C VAL B 168 -24.57 4.79 0.76
N GLY B 169 -24.63 4.54 -0.55
CA GLY B 169 -25.89 4.82 -1.25
C GLY B 169 -25.61 4.62 -2.75
N TYR B 170 -26.63 4.84 -3.52
CA TYR B 170 -26.54 4.74 -4.97
C TYR B 170 -27.67 5.56 -5.56
N ASN B 171 -27.54 5.84 -6.84
CA ASN B 171 -28.63 6.55 -7.60
C ASN B 171 -28.75 5.88 -8.96
N ASP B 172 -29.79 5.10 -9.18
CA ASP B 172 -30.05 4.41 -10.48
C ASP B 172 -30.77 5.37 -11.44
N SER B 173 -31.21 6.52 -11.00
CA SER B 173 -32.05 7.42 -11.85
C SER B 173 -31.22 8.42 -12.66
N ALA B 174 -30.02 8.72 -12.19
CA ALA B 174 -29.12 9.63 -12.85
C ALA B 174 -28.78 9.18 -14.26
N ALA B 175 -28.37 10.21 -15.05
CA ALA B 175 -27.91 10.00 -16.45
C ALA B 175 -26.88 8.91 -16.49
N VAL B 176 -25.90 9.04 -15.58
CA VAL B 176 -24.96 7.94 -15.34
C VAL B 176 -25.23 7.39 -13.89
N PRO B 177 -25.80 6.19 -13.81
CA PRO B 177 -26.10 5.64 -12.43
C PRO B 177 -24.78 5.51 -11.66
N TYR B 178 -24.82 5.71 -10.35
CA TYR B 178 -23.55 5.78 -9.55
C TYR B 178 -23.78 5.18 -8.18
N TRP B 179 -22.68 4.69 -7.63
CA TRP B 179 -22.54 4.41 -6.18
C TRP B 179 -22.01 5.60 -5.49
N ILE B 180 -22.37 5.84 -4.18
CA ILE B 180 -21.80 6.92 -3.31
C ILE B 180 -20.94 6.17 -2.24
N ILE B 181 -19.66 6.55 -2.20
CA ILE B 181 -18.71 5.83 -1.39
C ILE B 181 -18.05 6.81 -0.43
N LYS B 182 -17.99 6.41 0.85
CA LYS B 182 -17.26 7.15 1.87
C LYS B 182 -15.83 6.69 1.90
N ASN B 183 -14.93 7.65 1.68
CA ASN B 183 -13.51 7.35 1.81
C ASN B 183 -12.99 7.87 3.14
N SER B 184 -11.74 7.56 3.50
CA SER B 184 -11.13 7.95 4.76
C SER B 184 -9.85 8.77 4.50
N TRP B 185 -9.96 9.74 3.57
CA TRP B 185 -8.81 10.57 3.20
C TRP B 185 -9.09 12.02 3.49
N THR B 186 -9.84 12.32 4.54
CA THR B 186 -10.31 13.69 4.97
C THR B 186 -11.49 14.15 4.08
N THR B 187 -12.11 15.22 4.60
CA THR B 187 -13.16 15.84 3.76
C THR B 187 -12.59 16.69 2.64
N GLN B 188 -11.28 16.90 2.63
CA GLN B 188 -10.69 17.68 1.56
C GLN B 188 -10.66 16.91 0.27
N TRP B 189 -10.67 15.57 0.31
CA TRP B 189 -10.57 14.83 -0.91
C TRP B 189 -11.97 14.58 -1.47
N GLY B 190 -12.07 14.58 -2.76
CA GLY B 190 -13.33 14.25 -3.46
C GLY B 190 -14.45 15.23 -3.13
N GLU B 191 -15.64 14.71 -3.05
CA GLU B 191 -16.86 15.46 -2.75
C GLU B 191 -17.11 15.42 -1.25
N GLU B 192 -16.43 16.32 -0.53
CA GLU B 192 -16.48 16.35 0.90
C GLU B 192 -16.13 15.00 1.56
N GLY B 193 -15.21 14.33 0.88
CA GLY B 193 -14.73 13.03 1.46
C GLY B 193 -15.29 11.79 0.83
N TYR B 194 -16.22 12.02 -0.11
CA TYR B 194 -16.92 11.02 -0.85
C TYR B 194 -16.55 10.94 -2.30
N ILE B 195 -16.79 9.81 -2.91
CA ILE B 195 -16.60 9.69 -4.40
C ILE B 195 -17.84 9.03 -4.93
N ARG B 196 -18.25 9.40 -6.13
CA ARG B 196 -19.25 8.70 -6.91
C ARG B 196 -18.55 7.97 -8.03
N ILE B 197 -18.78 6.74 -8.11
CA ILE B 197 -18.27 5.89 -9.21
C ILE B 197 -19.43 5.33 -9.99
N ALA B 198 -19.29 5.20 -11.30
CA ALA B 198 -20.43 4.66 -12.06
C ALA B 198 -20.81 3.27 -11.57
N LYS B 199 -22.12 2.90 -11.66
CA LYS B 199 -22.66 1.70 -11.15
C LYS B 199 -23.11 0.83 -12.35
N GLY B 200 -22.75 -0.43 -12.32
CA GLY B 200 -23.19 -1.35 -13.36
C GLY B 200 -22.11 -1.84 -14.28
N SER B 201 -20.88 -1.38 -14.11
CA SER B 201 -19.77 -1.81 -14.99
C SER B 201 -18.60 -2.32 -14.15
N ASN B 202 -18.84 -2.64 -12.88
CA ASN B 202 -17.80 -3.13 -11.95
C ASN B 202 -16.65 -2.11 -11.85
N GLN B 203 -16.91 -0.81 -11.83
CA GLN B 203 -15.86 0.21 -11.68
C GLN B 203 -15.08 -0.09 -10.43
N CYS B 204 -13.75 -0.11 -10.56
CA CYS B 204 -12.84 -0.22 -9.41
C CYS B 204 -12.98 -1.59 -8.77
N LEU B 205 -13.57 -2.64 -9.39
CA LEU B 205 -13.80 -3.94 -8.87
C LEU B 205 -14.72 -3.90 -7.61
N VAL B 206 -15.62 -2.89 -7.64
CA VAL B 206 -16.45 -2.68 -6.44
C VAL B 206 -17.27 -3.85 -6.06
N LYS B 207 -17.63 -4.75 -7.00
CA LYS B 207 -18.50 -5.89 -6.56
C LYS B 207 -17.75 -7.10 -5.99
N GLU B 208 -16.40 -7.06 -6.03
CA GLU B 208 -15.65 -8.28 -5.81
C GLU B 208 -15.53 -8.75 -4.39
N GLU B 209 -15.59 -7.82 -3.40
CA GLU B 209 -15.42 -8.24 -2.03
C GLU B 209 -16.20 -7.33 -1.12
N ALA B 210 -17.52 -7.49 -1.17
CA ALA B 210 -18.47 -6.62 -0.46
C ALA B 210 -18.95 -7.46 0.74
N SER B 211 -19.10 -6.78 1.91
CA SER B 211 -19.51 -7.54 3.09
C SER B 211 -20.05 -6.58 4.14
N SER B 212 -20.69 -7.10 5.17
CA SER B 212 -21.18 -6.19 6.21
C SER B 212 -21.23 -7.03 7.50
N ALA B 213 -20.91 -6.36 8.65
CA ALA B 213 -21.18 -6.94 9.96
C ALA B 213 -22.72 -7.09 10.14
N VAL B 214 -23.00 -8.01 11.05
CA VAL B 214 -24.40 -8.22 11.50
C VAL B 214 -24.47 -7.94 12.98
N VAL B 215 -25.47 -7.11 13.32
CA VAL B 215 -25.79 -6.76 14.69
C VAL B 215 -27.04 -7.63 15.03
N GLY B 216 -26.99 -8.30 16.16
CA GLY B 216 -28.19 -9.01 16.73
C GLY B 216 -28.35 -10.40 16.13
#